data_2F99
#
_entry.id   2F99
#
_cell.length_a   151.740
_cell.length_b   151.740
_cell.length_c   108.868
_cell.angle_alpha   90.00
_cell.angle_beta   90.00
_cell.angle_gamma   120.00
#
_symmetry.space_group_name_H-M   'H 3'
#
loop_
_entity.id
_entity.type
_entity.pdbx_description
1 polymer 'Aklanonic Acid methyl Ester Cyclase, AknH'
2 non-polymer 'SULFATE ION'
3 non-polymer {3-[(1R,3S)-1,3-DIHYDROXYPENTYL]-4,5,9,10-TETRAHYDROXY-2-ANTHRYL}ACETATE
4 water water
#
_entity_poly.entity_id   1
_entity_poly.type   'polypeptide(L)'
_entity_poly.pdbx_seq_one_letter_code
;MAHHHHHHHRSEQIAAVRRMVEAYNTGKTDDVADYIHPEYMNPGTLEFTSLRGPELFAINVAWVKKTFSEEARLEEVGIE
ERADWVRARLVLYGRHVGEMVGMAPTGRLFSGEQIHLLHFVDGKIHHHRDWPDYQGTYRQLGEPWPETEHRRP
;
_entity_poly.pdbx_strand_id   A,B,C,D
#
loop_
_chem_comp.id
_chem_comp.type
_chem_comp.name
_chem_comp.formula
AKV non-polymer {3-[(1R,3S)-1,3-DIHYDROXYPENTYL]-4,5,9,10-TETRAHYDROXY-2-ANTHRYL}ACETATE 'C22 H22 O8'
SO4 non-polymer 'SULFATE ION' 'O4 S -2'
#
# COMPACT_ATOMS: atom_id res chain seq x y z
N ARG A 10 -5.11 30.08 13.64
CA ARG A 10 -6.11 29.54 12.67
C ARG A 10 -5.64 29.84 11.26
N SER A 11 -5.31 28.79 10.51
CA SER A 11 -4.82 28.96 9.15
C SER A 11 -5.96 29.17 8.15
N GLU A 12 -5.89 30.26 7.41
CA GLU A 12 -6.82 30.51 6.30
C GLU A 12 -6.64 29.46 5.21
N GLN A 13 -5.39 29.11 4.93
CA GLN A 13 -5.05 28.11 3.92
C GLN A 13 -5.67 26.75 4.24
N ILE A 14 -5.53 26.30 5.48
CA ILE A 14 -6.08 25.01 5.90
C ILE A 14 -7.62 25.05 5.91
N ALA A 15 -8.19 26.15 6.41
CA ALA A 15 -9.64 26.35 6.38
C ALA A 15 -10.21 26.22 4.97
N ALA A 16 -9.52 26.80 4.00
CA ALA A 16 -9.91 26.73 2.58
C ALA A 16 -9.84 25.29 2.07
N VAL A 17 -8.77 24.59 2.44
CA VAL A 17 -8.60 23.17 2.06
C VAL A 17 -9.74 22.34 2.67
N ARG A 18 -10.12 22.65 3.90
CA ARG A 18 -11.25 21.98 4.53
C ARG A 18 -12.59 22.24 3.83
N ARG A 19 -12.75 23.44 3.26
CA ARG A 19 -13.93 23.75 2.45
C ARG A 19 -13.92 22.92 1.17
N MET A 20 -12.76 22.84 0.54
CA MET A 20 -12.56 21.99 -0.62
C MET A 20 -12.98 20.54 -0.33
N VAL A 21 -12.52 19.99 0.80
CA VAL A 21 -12.87 18.63 1.20
C VAL A 21 -14.39 18.49 1.38
N GLU A 22 -15.00 19.48 2.03
CA GLU A 22 -16.45 19.48 2.23
C GLU A 22 -17.22 19.47 0.92
N ALA A 23 -16.69 20.15 -0.10
CA ALA A 23 -17.28 20.15 -1.45
C ALA A 23 -17.39 18.73 -2.03
N TYR A 24 -16.33 17.93 -1.86
CA TYR A 24 -16.36 16.54 -2.29
C TYR A 24 -17.43 15.75 -1.54
N ASN A 25 -17.56 16.03 -0.24
CA ASN A 25 -18.54 15.35 0.60
C ASN A 25 -19.98 15.71 0.27
N THR A 26 -20.26 17.02 0.20
CA THR A 26 -21.63 17.48 -0.07
C THR A 26 -21.99 17.47 -1.55
N GLY A 27 -21.00 17.64 -2.41
CA GLY A 27 -21.24 17.80 -3.85
C GLY A 27 -21.60 19.23 -4.23
N LYS A 28 -21.77 20.10 -3.23
CA LYS A 28 -22.18 21.49 -3.47
C LYS A 28 -20.98 22.37 -3.82
N THR A 29 -20.99 22.89 -5.05
CA THR A 29 -19.85 23.64 -5.57
C THR A 29 -20.18 25.06 -6.04
N ASP A 30 -21.32 25.58 -5.60
CA ASP A 30 -21.75 26.92 -6.02
C ASP A 30 -20.82 28.03 -5.56
N ASP A 31 -20.16 27.83 -4.42
CA ASP A 31 -19.34 28.85 -3.78
C ASP A 31 -17.82 28.69 -3.99
N VAL A 32 -17.41 27.75 -4.85
CA VAL A 32 -15.99 27.39 -4.95
C VAL A 32 -15.06 28.56 -5.35
N ALA A 33 -15.61 29.53 -6.09
CA ALA A 33 -14.86 30.74 -6.44
C ALA A 33 -14.27 31.45 -5.22
N ASP A 34 -14.86 31.24 -4.04
CA ASP A 34 -14.35 31.78 -2.79
C ASP A 34 -12.92 31.35 -2.48
N TYR A 35 -12.58 30.11 -2.83
CA TYR A 35 -11.28 29.55 -2.44
C TYR A 35 -10.49 28.91 -3.58
N ILE A 36 -11.15 28.74 -4.73
CA ILE A 36 -10.48 28.23 -5.94
C ILE A 36 -10.06 29.40 -6.84
N HIS A 37 -8.75 29.52 -7.06
CA HIS A 37 -8.16 30.58 -7.89
C HIS A 37 -8.69 30.52 -9.33
N PRO A 38 -8.93 31.69 -9.96
CA PRO A 38 -9.37 31.69 -11.37
C PRO A 38 -8.45 30.90 -12.30
N GLU A 39 -7.17 30.83 -11.97
CA GLU A 39 -6.19 30.10 -12.78
C GLU A 39 -5.89 28.70 -12.19
N TYR A 40 -6.83 28.19 -11.40
CA TYR A 40 -6.70 26.87 -10.76
C TYR A 40 -6.45 25.77 -11.78
N MET A 41 -5.41 24.99 -11.53
CA MET A 41 -5.12 23.81 -12.34
C MET A 41 -4.92 22.55 -11.48
N ASN A 42 -5.27 21.41 -12.08
CA ASN A 42 -5.07 20.11 -11.48
C ASN A 42 -4.67 19.18 -12.63
N PRO A 43 -3.38 18.82 -12.69
CA PRO A 43 -2.87 18.00 -13.81
C PRO A 43 -3.56 16.65 -13.97
N GLY A 44 -4.15 16.13 -12.89
CA GLY A 44 -4.86 14.85 -12.92
C GLY A 44 -6.14 14.88 -13.75
N THR A 45 -6.65 16.09 -14.00
CA THR A 45 -7.89 16.28 -14.75
C THR A 45 -7.66 16.39 -16.26
N LEU A 46 -6.40 16.45 -16.67
CA LEU A 46 -6.06 16.79 -18.06
C LEU A 46 -6.69 15.88 -19.12
N GLU A 47 -6.81 14.60 -18.79
CA GLU A 47 -7.41 13.62 -19.69
C GLU A 47 -8.90 13.89 -19.97
N PHE A 48 -9.55 14.62 -19.06
CA PHE A 48 -11.02 14.76 -19.07
C PHE A 48 -11.53 16.09 -19.61
N THR A 49 -10.71 17.13 -19.51
CA THR A 49 -11.15 18.50 -19.75
C THR A 49 -10.00 19.48 -19.88
N SER A 50 -10.25 20.61 -20.55
CA SER A 50 -9.29 21.70 -20.66
C SER A 50 -9.68 22.90 -19.79
N LEU A 51 -10.78 22.78 -19.06
CA LEU A 51 -11.25 23.84 -18.16
C LEU A 51 -10.22 24.19 -17.09
N ARG A 52 -10.32 25.43 -16.58
CA ARG A 52 -9.45 25.93 -15.52
C ARG A 52 -10.32 26.61 -14.46
N GLY A 53 -9.71 26.93 -13.32
CA GLY A 53 -10.39 27.68 -12.27
C GLY A 53 -11.53 26.95 -11.57
N PRO A 54 -12.45 27.71 -10.95
CA PRO A 54 -13.59 27.18 -10.22
C PRO A 54 -14.44 26.16 -11.00
N GLU A 55 -14.56 26.34 -12.31
CA GLU A 55 -15.32 25.38 -13.12
C GLU A 55 -14.59 24.04 -13.21
N LEU A 56 -13.26 24.09 -13.21
CA LEU A 56 -12.46 22.87 -13.23
C LEU A 56 -12.62 22.10 -11.92
N PHE A 57 -12.53 22.80 -10.80
CA PHE A 57 -12.72 22.14 -9.52
C PHE A 57 -14.13 21.55 -9.39
N ALA A 58 -15.13 22.31 -9.84
CA ALA A 58 -16.52 21.86 -9.81
C ALA A 58 -16.74 20.59 -10.63
N ILE A 59 -16.09 20.49 -11.79
CA ILE A 59 -16.26 19.32 -12.65
C ILE A 59 -15.61 18.05 -12.03
N ASN A 60 -14.51 18.25 -11.31
CA ASN A 60 -13.84 17.19 -10.55
C ASN A 60 -14.77 16.63 -9.47
N VAL A 61 -15.38 17.52 -8.69
CA VAL A 61 -16.32 17.14 -7.64
C VAL A 61 -17.52 16.38 -8.22
N ALA A 62 -18.07 16.88 -9.31
CA ALA A 62 -19.19 16.21 -9.98
C ALA A 62 -18.80 14.82 -10.49
N TRP A 63 -17.59 14.70 -11.05
CA TRP A 63 -17.11 13.41 -11.53
C TRP A 63 -17.02 12.41 -10.38
N VAL A 64 -16.55 12.86 -9.22
CA VAL A 64 -16.42 12.00 -8.02
C VAL A 64 -17.77 11.44 -7.55
N LYS A 65 -18.77 12.32 -7.42
CA LYS A 65 -20.12 11.90 -7.05
C LYS A 65 -20.74 10.97 -8.09
N LYS A 66 -20.50 11.23 -9.36
CA LYS A 66 -21.06 10.41 -10.43
C LYS A 66 -20.42 9.03 -10.48
N THR A 67 -19.09 8.99 -10.36
CA THR A 67 -18.34 7.75 -10.56
C THR A 67 -18.29 6.89 -9.30
N PHE A 68 -18.14 7.54 -8.14
CA PHE A 68 -17.96 6.87 -6.86
C PHE A 68 -19.16 7.02 -5.92
N SER A 69 -20.29 7.46 -6.49
CA SER A 69 -21.60 7.57 -5.80
C SER A 69 -21.80 8.89 -5.07
N GLU A 70 -23.06 9.28 -4.92
CA GLU A 70 -23.40 10.49 -4.15
C GLU A 70 -22.94 10.39 -2.71
N GLU A 71 -22.83 9.17 -2.21
CA GLU A 71 -22.46 8.92 -0.82
C GLU A 71 -20.94 8.85 -0.61
N ALA A 72 -20.17 9.11 -1.67
CA ALA A 72 -18.71 9.15 -1.57
C ALA A 72 -18.27 10.13 -0.48
N ARG A 73 -17.34 9.68 0.36
CA ARG A 73 -16.82 10.50 1.44
C ARG A 73 -15.33 10.75 1.29
N LEU A 74 -14.88 11.96 1.63
CA LEU A 74 -13.47 12.25 1.81
C LEU A 74 -13.23 12.55 3.28
N GLU A 75 -12.57 11.62 3.97
CA GLU A 75 -12.25 11.78 5.38
C GLU A 75 -10.86 12.39 5.54
N GLU A 76 -10.71 13.23 6.56
CA GLU A 76 -9.44 13.88 6.83
C GLU A 76 -8.64 13.11 7.88
N VAL A 77 -7.39 12.79 7.54
CA VAL A 77 -6.48 12.19 8.51
C VAL A 77 -5.64 13.29 9.15
N GLY A 78 -5.08 14.16 8.31
CA GLY A 78 -4.24 15.24 8.79
C GLY A 78 -3.98 16.26 7.69
N ILE A 79 -3.77 17.51 8.09
CA ILE A 79 -3.43 18.56 7.15
C ILE A 79 -2.29 19.37 7.74
N GLU A 80 -1.24 19.56 6.95
CA GLU A 80 -0.13 20.42 7.37
C GLU A 80 0.15 21.49 6.32
N GLU A 81 0.90 22.50 6.72
CA GLU A 81 1.25 23.59 5.81
C GLU A 81 2.71 24.01 5.95
N ARG A 82 3.26 24.53 4.87
CA ARG A 82 4.60 25.08 4.84
C ARG A 82 4.58 26.21 3.83
N ALA A 83 4.76 27.43 4.33
CA ALA A 83 4.62 28.64 3.52
C ALA A 83 3.29 28.65 2.76
N ASP A 84 3.34 28.79 1.45
CA ASP A 84 2.14 28.86 0.61
C ASP A 84 1.64 27.49 0.13
N TRP A 85 2.10 26.43 0.78
CA TRP A 85 1.74 25.06 0.41
C TRP A 85 1.02 24.33 1.53
N VAL A 86 0.07 23.48 1.14
CA VAL A 86 -0.67 22.65 2.08
C VAL A 86 -0.59 21.19 1.61
N ARG A 87 -0.34 20.28 2.54
CA ARG A 87 -0.38 18.85 2.25
C ARG A 87 -1.52 18.25 3.04
N ALA A 88 -2.48 17.64 2.32
CA ALA A 88 -3.63 17.04 2.96
C ALA A 88 -3.56 15.51 2.84
N ARG A 89 -3.70 14.83 3.97
CA ARG A 89 -3.76 13.37 4.00
C ARG A 89 -5.23 13.02 4.23
N LEU A 90 -5.84 12.48 3.17
CA LEU A 90 -7.27 12.23 3.13
C LEU A 90 -7.53 10.77 2.80
N VAL A 91 -8.77 10.32 2.97
CA VAL A 91 -9.15 8.96 2.59
C VAL A 91 -10.49 9.02 1.86
N LEU A 92 -10.50 8.50 0.63
CA LEU A 92 -11.72 8.42 -0.17
C LEU A 92 -12.45 7.11 0.07
N TYR A 93 -13.74 7.21 0.40
CA TYR A 93 -14.63 6.06 0.52
C TYR A 93 -15.70 6.21 -0.54
N GLY A 94 -15.97 5.15 -1.30
CA GLY A 94 -17.01 5.23 -2.31
C GLY A 94 -17.50 3.86 -2.74
N ARG A 95 -18.35 3.87 -3.75
CA ARG A 95 -18.75 2.66 -4.44
C ARG A 95 -18.69 2.97 -5.91
N HIS A 96 -18.10 2.06 -6.69
CA HIS A 96 -17.88 2.34 -8.09
C HIS A 96 -19.16 2.14 -8.91
N VAL A 97 -19.84 3.25 -9.19
CA VAL A 97 -21.15 3.17 -9.87
C VAL A 97 -21.22 3.86 -11.24
N GLY A 98 -20.15 4.57 -11.63
CA GLY A 98 -20.09 5.20 -12.95
C GLY A 98 -18.88 4.74 -13.73
N GLU A 99 -18.92 4.89 -15.05
CA GLU A 99 -17.77 4.57 -15.91
C GLU A 99 -16.52 5.32 -15.41
N MET A 100 -15.42 4.58 -15.26
CA MET A 100 -14.18 5.14 -14.75
C MET A 100 -13.08 4.86 -15.78
N VAL A 101 -12.70 5.89 -16.52
CA VAL A 101 -11.71 5.78 -17.62
C VAL A 101 -11.82 4.49 -18.44
N GLY A 102 -13.02 4.20 -18.95
CA GLY A 102 -13.22 3.06 -19.83
C GLY A 102 -13.50 1.72 -19.17
N MET A 103 -13.53 1.73 -17.84
CA MET A 103 -13.93 0.55 -17.07
C MET A 103 -15.39 0.71 -16.66
N ALA A 104 -16.21 -0.27 -17.03
CA ALA A 104 -17.63 -0.28 -16.65
C ALA A 104 -17.78 -0.31 -15.12
N PRO A 105 -18.86 0.30 -14.60
CA PRO A 105 -19.16 0.19 -13.16
C PRO A 105 -19.07 -1.26 -12.67
N THR A 106 -18.32 -1.44 -11.58
CA THR A 106 -18.13 -2.75 -10.97
C THR A 106 -19.09 -2.92 -9.78
N GLY A 107 -19.63 -1.79 -9.32
CA GLY A 107 -20.52 -1.78 -8.15
C GLY A 107 -19.79 -2.06 -6.86
N ARG A 108 -18.46 -1.99 -6.90
CA ARG A 108 -17.64 -2.39 -5.75
C ARG A 108 -17.43 -1.25 -4.75
N LEU A 109 -17.57 -1.57 -3.47
CA LEU A 109 -17.14 -0.67 -2.41
C LEU A 109 -15.62 -0.58 -2.44
N PHE A 110 -15.09 0.58 -2.09
CA PHE A 110 -13.65 0.74 -1.91
C PHE A 110 -13.38 1.87 -0.92
N SER A 111 -12.15 1.86 -0.41
CA SER A 111 -11.60 2.98 0.33
C SER A 111 -10.11 3.06 0.05
N GLY A 112 -9.63 4.26 -0.23
CA GLY A 112 -8.24 4.47 -0.61
C GLY A 112 -7.69 5.76 -0.05
N GLU A 113 -6.57 5.68 0.65
CA GLU A 113 -5.84 6.86 1.11
C GLU A 113 -5.43 7.73 -0.09
N GLN A 114 -5.28 9.03 0.18
CA GLN A 114 -4.85 9.98 -0.82
C GLN A 114 -3.90 10.98 -0.20
N ILE A 115 -2.93 11.45 -0.98
CA ILE A 115 -2.11 12.59 -0.58
C ILE A 115 -2.38 13.72 -1.57
N HIS A 116 -2.69 14.89 -1.04
CA HIS A 116 -2.94 16.07 -1.85
C HIS A 116 -1.90 17.15 -1.55
N LEU A 117 -1.38 17.75 -2.61
CA LEU A 117 -0.49 18.89 -2.51
C LEU A 117 -1.16 20.09 -3.15
N LEU A 118 -1.25 21.19 -2.39
CA LEU A 118 -1.96 22.39 -2.84
C LEU A 118 -1.05 23.60 -2.72
N HIS A 119 -1.01 24.41 -3.79
CA HIS A 119 -0.25 25.65 -3.76
C HIS A 119 -1.21 26.83 -3.80
N PHE A 120 -1.01 27.75 -2.88
CA PHE A 120 -1.85 28.95 -2.77
C PHE A 120 -1.20 30.14 -3.46
N VAL A 121 -2.02 30.88 -4.21
CA VAL A 121 -1.64 32.17 -4.80
C VAL A 121 -2.84 33.11 -4.57
N ASP A 122 -2.55 34.36 -4.16
CA ASP A 122 -3.59 35.36 -3.87
C ASP A 122 -4.60 34.83 -2.84
N GLY A 123 -4.13 33.99 -1.93
CA GLY A 123 -4.98 33.42 -0.87
C GLY A 123 -6.01 32.39 -1.34
N LYS A 124 -5.85 31.92 -2.57
CA LYS A 124 -6.76 30.89 -3.13
C LYS A 124 -5.94 29.72 -3.68
N ILE A 125 -6.57 28.56 -3.79
CA ILE A 125 -5.91 27.34 -4.29
C ILE A 125 -5.63 27.47 -5.79
N HIS A 126 -4.35 27.51 -6.14
CA HIS A 126 -3.91 27.76 -7.50
C HIS A 126 -3.47 26.51 -8.26
N HIS A 127 -2.83 25.58 -7.54
CA HIS A 127 -2.38 24.32 -8.16
C HIS A 127 -2.71 23.18 -7.20
N HIS A 128 -3.26 22.10 -7.75
CA HIS A 128 -3.74 20.99 -6.93
C HIS A 128 -3.31 19.67 -7.55
N ARG A 129 -2.47 18.95 -6.84
CA ARG A 129 -2.07 17.61 -7.26
C ARG A 129 -2.58 16.65 -6.22
N ASP A 130 -3.21 15.57 -6.66
CA ASP A 130 -3.51 14.54 -5.71
C ASP A 130 -3.23 13.15 -6.25
N TRP A 131 -2.84 12.29 -5.32
CA TRP A 131 -2.42 10.93 -5.61
C TRP A 131 -3.40 10.04 -4.88
N PRO A 132 -4.41 9.52 -5.59
CA PRO A 132 -5.25 8.46 -5.08
C PRO A 132 -4.42 7.19 -4.88
N ASP A 133 -4.95 6.25 -4.12
CA ASP A 133 -4.38 4.91 -4.09
C ASP A 133 -4.98 4.13 -5.26
N TYR A 134 -4.44 4.38 -6.45
CA TYR A 134 -4.94 3.74 -7.65
C TYR A 134 -4.92 2.21 -7.57
N GLN A 135 -3.78 1.66 -7.21
CA GLN A 135 -3.64 0.20 -7.21
C GLN A 135 -4.52 -0.45 -6.15
N GLY A 136 -4.53 0.15 -4.95
CA GLY A 136 -5.40 -0.34 -3.86
C GLY A 136 -6.86 -0.27 -4.24
N THR A 137 -7.25 0.82 -4.89
CA THR A 137 -8.63 0.95 -5.38
C THR A 137 -8.93 -0.10 -6.44
N TYR A 138 -8.05 -0.24 -7.42
CA TYR A 138 -8.21 -1.21 -8.49
C TYR A 138 -8.41 -2.65 -7.95
N ARG A 139 -7.59 -3.04 -6.98
CA ARG A 139 -7.75 -4.32 -6.30
C ARG A 139 -9.14 -4.48 -5.69
N GLN A 140 -9.57 -3.48 -4.93
CA GLN A 140 -10.89 -3.53 -4.28
C GLN A 140 -12.04 -3.54 -5.30
N LEU A 141 -11.78 -3.02 -6.50
CA LEU A 141 -12.77 -3.08 -7.57
C LEU A 141 -12.77 -4.44 -8.29
N GLY A 142 -11.96 -5.37 -7.81
CA GLY A 142 -11.85 -6.70 -8.43
C GLY A 142 -11.02 -6.71 -9.69
N GLU A 143 -10.16 -5.70 -9.84
CA GLU A 143 -9.25 -5.58 -10.98
C GLU A 143 -9.96 -5.73 -12.34
N PRO A 144 -10.92 -4.83 -12.63
CA PRO A 144 -11.65 -4.91 -13.88
C PRO A 144 -10.79 -4.72 -15.12
N TRP A 145 -11.16 -5.43 -16.18
CA TRP A 145 -10.60 -5.21 -17.51
C TRP A 145 -11.37 -4.07 -18.16
N PRO A 146 -10.65 -3.06 -18.70
CA PRO A 146 -11.33 -2.00 -19.43
C PRO A 146 -12.11 -2.52 -20.63
N GLU A 147 -13.25 -1.88 -20.92
CA GLU A 147 -14.06 -2.24 -22.07
C GLU A 147 -13.74 -1.34 -23.28
N THR A 148 -13.18 -0.16 -23.00
CA THR A 148 -12.82 0.79 -24.05
C THR A 148 -11.72 1.74 -23.58
N GLU A 149 -11.02 2.35 -24.55
CA GLU A 149 -10.11 3.47 -24.26
C GLU A 149 -10.92 4.72 -23.93
N HIS A 150 -10.51 5.43 -22.88
CA HIS A 150 -11.20 6.64 -22.46
C HIS A 150 -10.98 7.81 -23.44
N ARG B 10 2.72 -18.66 -27.25
CA ARG B 10 3.38 -17.32 -27.40
C ARG B 10 2.36 -16.23 -27.72
N SER B 11 2.32 -15.21 -26.88
CA SER B 11 1.49 -14.06 -27.12
C SER B 11 2.35 -12.96 -27.71
N GLU B 12 2.01 -12.53 -28.92
CA GLU B 12 2.67 -11.38 -29.53
C GLU B 12 2.44 -10.11 -28.70
N GLN B 13 1.25 -10.00 -28.13
CA GLN B 13 0.91 -8.84 -27.28
C GLN B 13 1.79 -8.81 -26.04
N ILE B 14 1.91 -9.94 -25.35
CA ILE B 14 2.72 -9.97 -24.14
C ILE B 14 4.18 -9.74 -24.48
N ALA B 15 4.64 -10.33 -25.59
CA ALA B 15 6.00 -10.10 -26.07
C ALA B 15 6.26 -8.60 -26.32
N ALA B 16 5.31 -7.92 -26.93
CA ALA B 16 5.43 -6.49 -27.21
C ALA B 16 5.53 -5.67 -25.93
N VAL B 17 4.70 -6.01 -24.95
CA VAL B 17 4.73 -5.33 -23.64
C VAL B 17 6.08 -5.56 -22.94
N ARG B 18 6.60 -6.79 -23.04
CA ARG B 18 7.93 -7.09 -22.53
C ARG B 18 9.05 -6.29 -23.21
N ARG B 19 8.90 -5.97 -24.49
CA ARG B 19 9.86 -5.08 -25.16
C ARG B 19 9.79 -3.66 -24.57
N MET B 20 8.57 -3.21 -24.31
CA MET B 20 8.33 -1.94 -23.63
C MET B 20 9.04 -1.90 -22.28
N VAL B 21 8.86 -2.97 -21.49
CA VAL B 21 9.45 -3.04 -20.16
C VAL B 21 10.97 -3.01 -20.29
N GLU B 22 11.49 -3.77 -21.25
CA GLU B 22 12.92 -3.81 -21.52
C GLU B 22 13.48 -2.42 -21.88
N ALA B 23 12.69 -1.61 -22.60
CA ALA B 23 13.12 -0.25 -22.96
C ALA B 23 13.32 0.62 -21.73
N TYR B 24 12.44 0.50 -20.73
CA TYR B 24 12.63 1.23 -19.46
C TYR B 24 13.93 0.81 -18.78
N ASN B 25 14.23 -0.49 -18.85
CA ASN B 25 15.40 -1.05 -18.19
C ASN B 25 16.71 -0.65 -18.86
N THR B 26 16.77 -0.80 -20.18
CA THR B 26 18.00 -0.53 -20.92
C THR B 26 18.17 0.94 -21.30
N GLY B 27 17.06 1.65 -21.40
CA GLY B 27 17.08 3.02 -21.94
C GLY B 27 17.25 3.04 -23.45
N LYS B 28 17.28 1.86 -24.07
CA LYS B 28 17.47 1.72 -25.52
C LYS B 28 16.13 1.76 -26.27
N THR B 29 15.87 2.85 -26.96
CA THR B 29 14.55 3.10 -27.54
C THR B 29 14.58 3.30 -29.06
N ASP B 30 15.66 2.90 -29.72
CA ASP B 30 15.77 3.15 -31.16
C ASP B 30 14.71 2.43 -31.97
N ASP B 31 14.23 1.31 -31.43
CA ASP B 31 13.31 0.43 -32.15
C ASP B 31 11.85 0.50 -31.68
N VAL B 32 11.49 1.54 -30.92
CA VAL B 32 10.15 1.62 -30.31
C VAL B 32 8.99 1.62 -31.31
N ALA B 33 9.25 2.08 -32.54
CA ALA B 33 8.25 2.08 -33.59
C ALA B 33 7.78 0.68 -33.97
N ASP B 34 8.57 -0.34 -33.62
CA ASP B 34 8.21 -1.74 -33.84
C ASP B 34 6.95 -2.15 -33.08
N TYR B 35 6.75 -1.59 -31.89
CA TYR B 35 5.65 -2.03 -31.02
C TYR B 35 4.77 -0.91 -30.46
N ILE B 36 5.15 0.35 -30.70
CA ILE B 36 4.34 1.46 -30.25
C ILE B 36 3.56 2.02 -31.44
N HIS B 37 2.24 2.11 -31.30
CA HIS B 37 1.36 2.58 -32.39
C HIS B 37 1.64 4.04 -32.69
N PRO B 38 1.55 4.45 -33.98
CA PRO B 38 1.70 5.86 -34.32
C PRO B 38 0.80 6.79 -33.50
N GLU B 39 -0.36 6.29 -33.08
CA GLU B 39 -1.34 7.08 -32.33
C GLU B 39 -1.32 6.78 -30.83
N TYR B 40 -0.26 6.11 -30.37
CA TYR B 40 -0.06 5.80 -28.96
C TYR B 40 -0.30 7.02 -28.07
N MET B 41 -1.08 6.80 -27.03
CA MET B 41 -1.32 7.83 -26.04
C MET B 41 -1.20 7.24 -24.64
N ASN B 42 -0.69 8.06 -23.72
CA ASN B 42 -0.63 7.74 -22.32
C ASN B 42 -1.10 8.98 -21.56
N PRO B 43 -2.31 8.92 -20.97
CA PRO B 43 -2.85 10.13 -20.32
C PRO B 43 -2.01 10.62 -19.12
N GLY B 44 -1.18 9.75 -18.55
CA GLY B 44 -0.28 10.13 -17.45
C GLY B 44 0.80 11.14 -17.82
N THR B 45 1.01 11.35 -19.12
CA THR B 45 2.07 12.19 -19.67
C THR B 45 1.61 13.61 -19.97
N LEU B 46 0.29 13.83 -19.91
CA LEU B 46 -0.34 15.06 -20.39
C LEU B 46 0.19 16.35 -19.77
N GLU B 47 0.53 16.29 -18.49
CA GLU B 47 1.12 17.43 -17.78
C GLU B 47 2.45 17.89 -18.40
N PHE B 48 3.14 16.95 -19.06
CA PHE B 48 4.53 17.13 -19.45
C PHE B 48 4.70 17.44 -20.93
N THR B 49 3.77 16.96 -21.74
CA THR B 49 3.94 16.95 -23.19
C THR B 49 2.63 16.69 -23.93
N SER B 50 2.57 17.13 -25.18
CA SER B 50 1.42 16.87 -26.05
C SER B 50 1.75 15.83 -27.14
N LEU B 51 2.91 15.19 -27.02
CA LEU B 51 3.34 14.19 -28.01
C LEU B 51 2.43 12.96 -28.04
N ARG B 52 2.45 12.28 -29.19
CA ARG B 52 1.77 11.00 -29.35
C ARG B 52 2.75 10.02 -30.01
N GLY B 53 2.38 8.74 -30.05
CA GLY B 53 3.14 7.75 -30.81
C GLY B 53 4.43 7.28 -30.16
N PRO B 54 5.30 6.63 -30.96
CA PRO B 54 6.60 6.13 -30.48
C PRO B 54 7.42 7.23 -29.80
N GLU B 55 7.31 8.47 -30.32
CA GLU B 55 7.98 9.64 -29.74
C GLU B 55 7.59 9.90 -28.28
N LEU B 56 6.30 9.78 -27.99
CA LEU B 56 5.80 9.94 -26.62
C LEU B 56 6.38 8.86 -25.68
N PHE B 57 6.32 7.61 -26.11
CA PHE B 57 6.88 6.53 -25.31
C PHE B 57 8.36 6.75 -25.03
N ALA B 58 9.12 7.09 -26.08
CA ALA B 58 10.56 7.31 -25.95
C ALA B 58 10.86 8.44 -24.95
N ILE B 59 10.05 9.51 -24.99
CA ILE B 59 10.16 10.62 -24.05
C ILE B 59 9.90 10.18 -22.60
N ASN B 60 8.91 9.30 -22.43
CA ASN B 60 8.59 8.76 -21.11
C ASN B 60 9.77 7.98 -20.55
N VAL B 61 10.35 7.11 -21.37
CA VAL B 61 11.52 6.32 -20.97
C VAL B 61 12.68 7.25 -20.59
N ALA B 62 12.93 8.27 -21.41
CA ALA B 62 13.98 9.24 -21.13
C ALA B 62 13.78 9.94 -19.78
N TRP B 63 12.54 10.33 -19.51
CA TRP B 63 12.18 11.01 -18.26
C TRP B 63 12.45 10.13 -17.05
N VAL B 64 12.09 8.84 -17.16
CA VAL B 64 12.31 7.86 -16.08
C VAL B 64 13.81 7.75 -15.77
N LYS B 65 14.63 7.63 -16.81
CA LYS B 65 16.09 7.55 -16.65
C LYS B 65 16.70 8.84 -16.07
N LYS B 66 16.16 9.99 -16.48
CA LYS B 66 16.63 11.29 -16.00
C LYS B 66 16.25 11.53 -14.54
N THR B 67 15.03 11.17 -14.18
CA THR B 67 14.47 11.48 -12.87
C THR B 67 14.81 10.41 -11.82
N PHE B 68 14.83 9.16 -12.25
CA PHE B 68 14.99 8.04 -11.32
C PHE B 68 16.31 7.30 -11.53
N SER B 69 17.20 7.90 -12.32
CA SER B 69 18.58 7.43 -12.56
C SER B 69 18.69 6.41 -13.69
N GLU B 70 19.87 6.33 -14.29
CA GLU B 70 20.14 5.34 -15.32
C GLU B 70 19.99 3.92 -14.79
N GLU B 71 20.19 3.76 -13.49
CA GLU B 71 20.13 2.45 -12.83
C GLU B 71 18.70 2.01 -12.54
N ALA B 72 17.72 2.85 -12.85
CA ALA B 72 16.33 2.51 -12.62
C ALA B 72 15.98 1.20 -13.35
N ARG B 73 15.19 0.35 -12.68
CA ARG B 73 14.81 -0.96 -13.22
C ARG B 73 13.30 -1.16 -13.08
N LEU B 74 12.69 -1.88 -14.03
CA LEU B 74 11.28 -2.23 -13.95
C LEU B 74 11.18 -3.74 -13.97
N GLU B 75 10.84 -4.34 -12.83
CA GLU B 75 10.80 -5.79 -12.70
C GLU B 75 9.41 -6.33 -13.00
N GLU B 76 9.36 -7.48 -13.65
CA GLU B 76 8.08 -8.11 -13.96
C GLU B 76 7.59 -9.01 -12.82
N VAL B 77 6.38 -8.73 -12.34
CA VAL B 77 5.71 -9.63 -11.39
C VAL B 77 4.84 -10.58 -12.18
N GLY B 78 4.05 -10.04 -13.11
CA GLY B 78 3.16 -10.88 -13.90
C GLY B 78 2.52 -10.09 -15.02
N ILE B 79 2.19 -10.78 -16.10
CA ILE B 79 1.51 -10.14 -17.22
C ILE B 79 0.40 -11.07 -17.68
N GLU B 80 -0.78 -10.53 -17.86
CA GLU B 80 -1.87 -11.29 -18.42
C GLU B 80 -2.54 -10.53 -19.55
N GLU B 81 -3.35 -11.22 -20.34
CA GLU B 81 -4.05 -10.59 -21.44
C GLU B 81 -5.48 -11.10 -21.53
N ARG B 82 -6.35 -10.28 -22.10
CA ARG B 82 -7.73 -10.64 -22.35
C ARG B 82 -8.09 -9.88 -23.63
N ALA B 83 -8.35 -10.65 -24.69
CA ALA B 83 -8.58 -10.09 -26.03
C ALA B 83 -7.46 -9.12 -26.41
N ASP B 84 -7.79 -7.88 -26.76
CA ASP B 84 -6.79 -6.89 -27.19
C ASP B 84 -6.19 -6.03 -26.07
N TRP B 85 -6.34 -6.49 -24.83
CA TRP B 85 -5.86 -5.77 -23.66
C TRP B 85 -4.80 -6.58 -22.91
N VAL B 86 -3.83 -5.87 -22.34
CA VAL B 86 -2.81 -6.48 -21.50
C VAL B 86 -2.72 -5.76 -20.17
N ARG B 87 -2.60 -6.53 -19.10
CA ARG B 87 -2.33 -5.98 -17.78
C ARG B 87 -0.95 -6.45 -17.34
N ALA B 88 -0.09 -5.49 -17.01
CA ALA B 88 1.26 -5.79 -16.55
C ALA B 88 1.40 -5.33 -15.13
N ARG B 89 1.83 -6.25 -14.27
CA ARG B 89 2.09 -5.96 -12.87
C ARG B 89 3.60 -5.91 -12.73
N LEU B 90 4.10 -4.71 -12.42
CA LEU B 90 5.54 -4.46 -12.47
C LEU B 90 5.97 -3.81 -11.17
N VAL B 91 7.29 -3.73 -10.96
CA VAL B 91 7.82 -2.99 -9.82
C VAL B 91 8.94 -2.06 -10.30
N LEU B 92 8.78 -0.77 -10.04
CA LEU B 92 9.82 0.20 -10.37
C LEU B 92 10.81 0.34 -9.23
N TYR B 93 12.10 0.25 -9.55
CA TYR B 93 13.18 0.54 -8.61
C TYR B 93 13.95 1.73 -9.14
N GLY B 94 14.24 2.72 -8.30
CA GLY B 94 15.05 3.84 -8.75
C GLY B 94 15.72 4.60 -7.64
N ARG B 95 16.34 5.71 -8.02
CA ARG B 95 16.90 6.68 -7.09
C ARG B 95 16.49 8.05 -7.57
N HIS B 96 15.90 8.86 -6.69
CA HIS B 96 15.40 10.18 -7.05
C HIS B 96 16.55 11.17 -7.28
N VAL B 97 16.96 11.30 -8.55
CA VAL B 97 18.11 12.13 -8.91
C VAL B 97 17.77 13.36 -9.77
N GLY B 98 16.54 13.42 -10.27
CA GLY B 98 16.09 14.54 -11.07
C GLY B 98 14.86 15.20 -10.50
N GLU B 99 14.64 16.47 -10.83
CA GLU B 99 13.45 17.20 -10.40
C GLU B 99 12.20 16.40 -10.77
N MET B 100 11.29 16.24 -9.80
CA MET B 100 10.09 15.43 -9.99
C MET B 100 8.87 16.28 -9.69
N VAL B 101 8.16 16.68 -10.75
CA VAL B 101 7.04 17.62 -10.66
C VAL B 101 7.20 18.71 -9.58
N GLY B 102 8.33 19.41 -9.64
CA GLY B 102 8.58 20.56 -8.75
C GLY B 102 9.18 20.20 -7.41
N MET B 103 9.54 18.93 -7.23
CA MET B 103 10.24 18.48 -6.04
C MET B 103 11.70 18.23 -6.37
N ALA B 104 12.59 18.91 -5.65
CA ALA B 104 14.03 18.81 -5.88
C ALA B 104 14.54 17.39 -5.61
N PRO B 105 15.59 16.96 -6.32
CA PRO B 105 16.17 15.62 -6.13
C PRO B 105 16.52 15.39 -4.67
N THR B 106 16.13 14.23 -4.14
CA THR B 106 16.41 13.86 -2.75
C THR B 106 17.60 12.91 -2.65
N GLY B 107 18.00 12.33 -3.79
CA GLY B 107 19.04 11.29 -3.82
C GLY B 107 18.63 9.97 -3.19
N ARG B 108 17.35 9.83 -2.86
CA ARG B 108 16.86 8.66 -2.11
C ARG B 108 16.44 7.48 -3.00
N LEU B 109 16.82 6.27 -2.58
CA LEU B 109 16.35 5.04 -3.20
C LEU B 109 14.86 4.89 -2.97
N PHE B 110 14.18 4.22 -3.91
CA PHE B 110 12.78 3.87 -3.72
C PHE B 110 12.44 2.67 -4.59
N SER B 111 11.35 2.00 -4.24
CA SER B 111 10.80 0.95 -5.07
C SER B 111 9.29 0.96 -4.84
N GLY B 112 8.54 0.83 -5.93
CA GLY B 112 7.08 0.86 -5.85
C GLY B 112 6.46 0.02 -6.94
N GLU B 113 5.49 -0.80 -6.56
CA GLU B 113 4.71 -1.59 -7.49
C GLU B 113 3.97 -0.67 -8.44
N GLN B 114 3.66 -1.19 -9.63
CA GLN B 114 2.90 -0.45 -10.64
C GLN B 114 1.96 -1.42 -11.30
N ILE B 115 0.84 -0.90 -11.77
CA ILE B 115 -0.08 -1.66 -12.63
C ILE B 115 -0.24 -0.88 -13.92
N HIS B 116 -0.05 -1.57 -15.05
CA HIS B 116 -0.17 -0.98 -16.38
C HIS B 116 -1.28 -1.68 -17.14
N LEU B 117 -2.10 -0.88 -17.83
CA LEU B 117 -3.15 -1.38 -18.69
C LEU B 117 -2.86 -0.89 -20.11
N LEU B 118 -2.77 -1.84 -21.05
CA LEU B 118 -2.39 -1.54 -22.42
C LEU B 118 -3.42 -2.08 -23.37
N HIS B 119 -3.82 -1.26 -24.34
CA HIS B 119 -4.73 -1.66 -25.39
C HIS B 119 -3.99 -1.71 -26.73
N PHE B 120 -4.12 -2.84 -27.42
CA PHE B 120 -3.55 -3.02 -28.75
C PHE B 120 -4.53 -2.67 -29.85
N VAL B 121 -4.01 -1.98 -30.88
CA VAL B 121 -4.70 -1.75 -32.15
C VAL B 121 -3.67 -2.03 -33.23
N ASP B 122 -4.06 -2.75 -34.28
CA ASP B 122 -3.15 -3.04 -35.40
C ASP B 122 -1.87 -3.75 -34.94
N GLY B 123 -1.97 -4.51 -33.85
CA GLY B 123 -0.84 -5.27 -33.31
C GLY B 123 0.20 -4.47 -32.55
N LYS B 124 -0.12 -3.21 -32.24
CA LYS B 124 0.82 -2.33 -31.53
C LYS B 124 0.15 -1.68 -30.34
N ILE B 125 0.95 -1.23 -29.37
CA ILE B 125 0.39 -0.57 -28.19
C ILE B 125 -0.17 0.80 -28.55
N HIS B 126 -1.47 0.95 -28.36
CA HIS B 126 -2.23 2.12 -28.80
C HIS B 126 -2.68 3.02 -27.65
N HIS B 127 -2.92 2.43 -26.49
CA HIS B 127 -3.24 3.22 -25.29
C HIS B 127 -2.58 2.57 -24.08
N HIS B 128 -2.03 3.41 -23.21
CA HIS B 128 -1.21 2.92 -22.09
C HIS B 128 -1.55 3.75 -20.86
N ARG B 129 -2.10 3.08 -19.85
CA ARG B 129 -2.37 3.72 -18.57
C ARG B 129 -1.48 3.04 -17.56
N ASP B 130 -0.83 3.80 -16.68
CA ASP B 130 0.16 3.30 -15.75
C ASP B 130 -0.15 3.94 -14.38
N TRP B 131 -0.29 3.08 -13.32
CA TRP B 131 -0.49 3.57 -11.98
C TRP B 131 0.72 3.23 -11.13
N PRO B 132 1.65 4.19 -10.98
CA PRO B 132 2.73 4.07 -10.00
C PRO B 132 2.16 4.02 -8.57
N ASP B 133 2.97 3.55 -7.64
CA ASP B 133 2.63 3.70 -6.22
C ASP B 133 3.11 5.09 -5.82
N TYR B 134 2.31 6.10 -6.16
CA TYR B 134 2.70 7.49 -5.85
C TYR B 134 2.95 7.72 -4.36
N GLN B 135 2.00 7.31 -3.52
CA GLN B 135 2.10 7.57 -2.09
C GLN B 135 3.28 6.85 -1.45
N GLY B 136 3.48 5.59 -1.83
CA GLY B 136 4.60 4.80 -1.29
C GLY B 136 5.94 5.35 -1.70
N THR B 137 6.03 5.80 -2.96
CA THR B 137 7.25 6.43 -3.46
C THR B 137 7.48 7.75 -2.72
N TYR B 138 6.45 8.57 -2.63
CA TYR B 138 6.52 9.83 -1.89
C TYR B 138 7.06 9.63 -0.46
N ARG B 139 6.53 8.63 0.24
CA ARG B 139 7.04 8.27 1.57
C ARG B 139 8.54 7.95 1.57
N GLN B 140 8.94 7.06 0.65
CA GLN B 140 10.35 6.64 0.57
C GLN B 140 11.30 7.78 0.21
N LEU B 141 10.76 8.79 -0.47
CA LEU B 141 11.49 10.03 -0.78
C LEU B 141 11.50 11.04 0.38
N GLY B 142 10.97 10.65 1.53
CA GLY B 142 10.97 11.52 2.71
C GLY B 142 9.89 12.58 2.68
N GLU B 143 8.87 12.36 1.85
CA GLU B 143 7.73 13.27 1.71
C GLU B 143 8.20 14.72 1.51
N PRO B 144 8.91 14.99 0.40
CA PRO B 144 9.41 16.33 0.15
C PRO B 144 8.29 17.34 -0.11
N TRP B 145 8.50 18.56 0.38
CA TRP B 145 7.66 19.68 0.01
C TRP B 145 8.12 20.19 -1.35
N PRO B 146 7.18 20.42 -2.29
CA PRO B 146 7.55 20.97 -3.59
C PRO B 146 8.17 22.36 -3.44
N GLU B 147 9.17 22.65 -4.28
CA GLU B 147 9.82 23.95 -4.25
C GLU B 147 9.15 24.91 -5.22
N THR B 148 8.44 24.34 -6.19
CA THR B 148 7.72 25.11 -7.20
C THR B 148 6.54 24.31 -7.72
N GLU B 149 5.56 25.00 -8.28
CA GLU B 149 4.48 24.32 -8.96
C GLU B 149 4.72 24.13 -10.45
N HIS B 150 5.92 24.45 -10.91
CA HIS B 150 6.12 24.85 -12.30
C HIS B 150 6.78 23.79 -13.20
N SER C 11 -18.38 -24.98 -3.45
CA SER C 11 -17.34 -25.38 -2.46
C SER C 11 -17.80 -25.20 -1.02
N GLU C 12 -17.72 -26.27 -0.25
CA GLU C 12 -18.02 -26.22 1.19
C GLU C 12 -16.97 -25.41 1.95
N GLN C 13 -15.73 -25.43 1.45
CA GLN C 13 -14.64 -24.66 2.04
C GLN C 13 -14.91 -23.16 1.95
N ILE C 14 -15.29 -22.70 0.75
CA ILE C 14 -15.58 -21.28 0.54
C ILE C 14 -16.79 -20.84 1.37
N ALA C 15 -17.79 -21.72 1.47
CA ALA C 15 -18.96 -21.50 2.32
C ALA C 15 -18.55 -21.28 3.76
N ALA C 16 -17.65 -22.13 4.27
CA ALA C 16 -17.15 -22.06 5.64
C ALA C 16 -16.44 -20.74 5.90
N VAL C 17 -15.58 -20.34 4.97
CA VAL C 17 -14.86 -19.07 5.07
C VAL C 17 -15.83 -17.88 5.08
N ARG C 18 -16.87 -17.96 4.27
CA ARG C 18 -17.91 -16.93 4.26
C ARG C 18 -18.69 -16.83 5.58
N ARG C 19 -18.90 -17.97 6.24
CA ARG C 19 -19.48 -17.99 7.58
C ARG C 19 -18.55 -17.31 8.58
N MET C 20 -17.25 -17.61 8.45
CA MET C 20 -16.23 -16.97 9.26
C MET C 20 -16.27 -15.44 9.12
N VAL C 21 -16.29 -14.96 7.87
CA VAL C 21 -16.39 -13.53 7.59
C VAL C 21 -17.62 -12.90 8.22
N GLU C 22 -18.76 -13.58 8.08
CA GLU C 22 -20.03 -13.12 8.67
C GLU C 22 -19.97 -13.00 10.19
N ALA C 23 -19.19 -13.89 10.81
CA ALA C 23 -19.08 -13.90 12.26
C ALA C 23 -18.37 -12.64 12.76
N TYR C 24 -17.40 -12.15 12.00
CA TYR C 24 -16.74 -10.87 12.32
C TYR C 24 -17.75 -9.73 12.20
N ASN C 25 -18.64 -9.83 11.20
CA ASN C 25 -19.59 -8.78 10.92
C ASN C 25 -20.69 -8.72 11.98
N THR C 26 -21.25 -9.87 12.33
CA THR C 26 -22.33 -9.93 13.32
C THR C 26 -21.79 -9.95 14.76
N GLY C 27 -20.56 -10.43 14.92
CA GLY C 27 -20.00 -10.66 16.26
C GLY C 27 -20.58 -11.90 16.93
N LYS C 28 -21.46 -12.61 16.22
CA LYS C 28 -22.11 -13.81 16.74
C LYS C 28 -21.22 -15.05 16.53
N THR C 29 -20.75 -15.62 17.64
CA THR C 29 -19.78 -16.72 17.57
C THR C 29 -20.23 -18.00 18.28
N ASP C 30 -21.54 -18.14 18.48
CA ASP C 30 -22.07 -19.32 19.17
C ASP C 30 -21.92 -20.62 18.37
N ASP C 31 -22.02 -20.52 17.04
CA ASP C 31 -22.01 -21.69 16.18
C ASP C 31 -20.66 -21.98 15.51
N VAL C 32 -19.61 -21.27 15.91
CA VAL C 32 -18.32 -21.36 15.19
C VAL C 32 -17.72 -22.76 15.16
N ALA C 33 -18.06 -23.60 16.14
CA ALA C 33 -17.61 -24.99 16.17
C ALA C 33 -18.03 -25.78 14.93
N ASP C 34 -19.05 -25.29 14.23
CA ASP C 34 -19.49 -25.85 12.94
C ASP C 34 -18.38 -25.85 11.89
N TYR C 35 -17.60 -24.76 11.82
CA TYR C 35 -16.60 -24.59 10.75
C TYR C 35 -15.18 -24.36 11.27
N ILE C 36 -15.01 -24.22 12.57
CA ILE C 36 -13.70 -24.03 13.19
C ILE C 36 -13.23 -25.35 13.81
N HIS C 37 -12.07 -25.83 13.37
CA HIS C 37 -11.47 -27.08 13.87
C HIS C 37 -11.18 -26.99 15.35
N PRO C 38 -11.41 -28.08 16.12
CA PRO C 38 -11.03 -28.10 17.53
C PRO C 38 -9.61 -27.63 17.82
N GLU C 39 -8.70 -27.85 16.87
CA GLU C 39 -7.29 -27.49 17.06
C GLU C 39 -6.89 -26.26 16.24
N TYR C 40 -7.88 -25.46 15.86
CA TYR C 40 -7.67 -24.21 15.13
C TYR C 40 -6.58 -23.36 15.75
N MET C 41 -5.66 -22.90 14.89
CA MET C 41 -4.61 -21.99 15.30
C MET C 41 -4.56 -20.77 14.40
N ASN C 42 -4.24 -19.63 15.00
CA ASN C 42 -3.95 -18.41 14.28
C ASN C 42 -2.72 -17.79 14.91
N PRO C 43 -1.58 -17.80 14.18
CA PRO C 43 -0.32 -17.33 14.75
C PRO C 43 -0.34 -15.86 15.13
N GLY C 44 -1.19 -15.06 14.47
CA GLY C 44 -1.35 -13.64 14.81
C GLY C 44 -1.93 -13.38 16.19
N THR C 45 -2.50 -14.42 16.82
CA THR C 45 -3.10 -14.32 18.16
C THR C 45 -2.14 -14.59 19.32
N LEU C 46 -0.96 -15.09 19.01
CA LEU C 46 -0.07 -15.63 20.05
C LEU C 46 0.30 -14.63 21.13
N GLU C 47 0.36 -13.36 20.74
CA GLU C 47 0.65 -12.28 21.66
C GLU C 47 -0.43 -12.10 22.74
N PHE C 48 -1.65 -12.53 22.43
CA PHE C 48 -2.83 -12.21 23.25
C PHE C 48 -3.33 -13.36 24.12
N THR C 49 -3.16 -14.59 23.62
CA THR C 49 -3.81 -15.76 24.21
C THR C 49 -3.10 -17.06 23.84
N SER C 50 -3.35 -18.09 24.64
CA SER C 50 -2.84 -19.44 24.38
C SER C 50 -3.96 -20.40 23.99
N LEU C 51 -5.19 -19.89 23.96
CA LEU C 51 -6.37 -20.67 23.56
C LEU C 51 -6.25 -21.22 22.13
N ARG C 52 -7.03 -22.25 21.85
CA ARG C 52 -7.08 -22.87 20.53
C ARG C 52 -8.54 -23.14 20.17
N GLY C 53 -8.77 -23.56 18.93
CA GLY C 53 -10.08 -24.01 18.50
C GLY C 53 -11.13 -22.91 18.41
N PRO C 54 -12.42 -23.31 18.45
CA PRO C 54 -13.54 -22.36 18.41
C PRO C 54 -13.40 -21.21 19.41
N GLU C 55 -12.90 -21.52 20.60
CA GLU C 55 -12.67 -20.51 21.64
C GLU C 55 -11.69 -19.42 21.20
N LEU C 56 -10.64 -19.83 20.49
CA LEU C 56 -9.66 -18.88 19.96
C LEU C 56 -10.27 -17.98 18.89
N PHE C 57 -11.03 -18.57 17.98
CA PHE C 57 -11.66 -17.77 16.95
C PHE C 57 -12.62 -16.74 17.56
N ALA C 58 -13.40 -17.18 18.54
CA ALA C 58 -14.35 -16.30 19.21
C ALA C 58 -13.68 -15.10 19.88
N ILE C 59 -12.52 -15.32 20.48
CA ILE C 59 -11.80 -14.25 21.19
C ILE C 59 -11.24 -13.23 20.18
N ASN C 60 -10.79 -13.72 19.04
CA ASN C 60 -10.36 -12.87 17.94
C ASN C 60 -11.51 -11.96 17.47
N VAL C 61 -12.68 -12.55 17.24
CA VAL C 61 -13.87 -11.78 16.83
C VAL C 61 -14.25 -10.73 17.89
N ALA C 62 -14.27 -11.14 19.15
CA ALA C 62 -14.59 -10.24 20.27
C ALA C 62 -13.63 -9.05 20.32
N TRP C 63 -12.34 -9.33 20.14
CA TRP C 63 -11.30 -8.29 20.13
C TRP C 63 -11.52 -7.29 18.99
N VAL C 64 -11.88 -7.79 17.81
CA VAL C 64 -12.17 -6.89 16.68
C VAL C 64 -13.31 -5.93 17.01
N LYS C 65 -14.39 -6.47 17.60
CA LYS C 65 -15.55 -5.65 17.95
C LYS C 65 -15.20 -4.63 19.05
N LYS C 66 -14.37 -5.06 19.99
CA LYS C 66 -13.94 -4.21 21.11
C LYS C 66 -13.02 -3.07 20.65
N THR C 67 -12.07 -3.41 19.78
CA THR C 67 -11.01 -2.49 19.37
C THR C 67 -11.43 -1.62 18.19
N PHE C 68 -12.12 -2.24 17.23
CA PHE C 68 -12.48 -1.58 15.99
C PHE C 68 -13.98 -1.25 15.86
N SER C 69 -14.68 -1.38 16.98
CA SER C 69 -16.11 -1.03 17.16
C SER C 69 -17.08 -2.13 16.72
N GLU C 70 -18.29 -2.09 17.27
CA GLU C 70 -19.34 -3.06 16.92
C GLU C 70 -19.69 -2.98 15.45
N GLU C 71 -19.44 -1.81 14.88
CA GLU C 71 -19.75 -1.50 13.47
C GLU C 71 -18.63 -1.94 12.51
N ALA C 72 -17.57 -2.55 13.03
CA ALA C 72 -16.49 -3.05 12.20
C ALA C 72 -17.03 -4.13 11.28
N ARG C 73 -16.60 -4.09 10.02
CA ARG C 73 -16.96 -5.17 9.10
C ARG C 73 -15.91 -5.52 8.08
N LEU C 74 -16.04 -6.76 7.59
CA LEU C 74 -15.18 -7.31 6.58
C LEU C 74 -15.96 -7.45 5.29
N GLU C 75 -15.48 -6.81 4.25
CA GLU C 75 -16.08 -6.91 2.93
C GLU C 75 -15.26 -7.88 2.10
N GLU C 76 -15.95 -8.69 1.28
CA GLU C 76 -15.26 -9.67 0.45
C GLU C 76 -14.89 -9.08 -0.89
N VAL C 77 -13.60 -9.15 -1.24
CA VAL C 77 -13.17 -8.79 -2.60
C VAL C 77 -13.18 -10.03 -3.49
N GLY C 78 -12.60 -11.12 -3.00
CA GLY C 78 -12.58 -12.38 -3.73
C GLY C 78 -12.12 -13.51 -2.84
N ILE C 79 -12.48 -14.73 -3.20
CA ILE C 79 -12.06 -15.92 -2.47
C ILE C 79 -11.68 -16.97 -3.52
N GLU C 80 -10.50 -17.56 -3.32
CA GLU C 80 -9.98 -18.58 -4.21
C GLU C 80 -9.67 -19.81 -3.37
N GLU C 81 -9.65 -20.98 -3.99
CA GLU C 81 -9.25 -22.20 -3.28
C GLU C 81 -8.35 -23.05 -4.15
N ARG C 82 -7.52 -23.85 -3.48
CA ARG C 82 -6.64 -24.78 -4.15
C ARG C 82 -6.45 -25.92 -3.18
N ALA C 83 -6.95 -27.10 -3.56
CA ALA C 83 -7.00 -28.27 -2.69
C ALA C 83 -7.61 -27.89 -1.33
N ASP C 84 -6.89 -28.16 -0.24
CA ASP C 84 -7.38 -27.91 1.12
C ASP C 84 -7.11 -26.49 1.64
N TRP C 85 -6.72 -25.60 0.74
CA TRP C 85 -6.41 -24.23 1.11
C TRP C 85 -7.36 -23.22 0.48
N VAL C 86 -7.64 -22.15 1.22
CA VAL C 86 -8.45 -21.05 0.73
C VAL C 86 -7.70 -19.74 0.94
N ARG C 87 -7.74 -18.87 -0.06
CA ARG C 87 -7.20 -17.53 0.09
C ARG C 87 -8.36 -16.55 -0.04
N ALA C 88 -8.52 -15.70 0.98
CA ALA C 88 -9.59 -14.72 0.98
C ALA C 88 -9.01 -13.33 0.91
N ARG C 89 -9.50 -12.55 -0.04
CA ARG C 89 -9.09 -11.17 -0.19
C ARG C 89 -10.23 -10.33 0.36
N LEU C 90 -9.98 -9.69 1.50
CA LEU C 90 -11.02 -8.99 2.25
C LEU C 90 -10.62 -7.55 2.54
N VAL C 91 -11.56 -6.75 3.01
CA VAL C 91 -11.26 -5.38 3.41
C VAL C 91 -11.95 -5.12 4.75
N LEU C 92 -11.16 -4.72 5.74
CA LEU C 92 -11.68 -4.38 7.05
C LEU C 92 -12.02 -2.90 7.09
N TYR C 93 -13.23 -2.60 7.57
CA TYR C 93 -13.66 -1.23 7.85
C TYR C 93 -13.94 -1.14 9.35
N GLY C 94 -13.44 -0.11 10.00
CA GLY C 94 -13.71 0.06 11.43
C GLY C 94 -13.46 1.46 11.95
N ARG C 95 -13.58 1.60 13.26
CA ARG C 95 -13.22 2.82 13.97
C ARG C 95 -12.43 2.43 15.20
N HIS C 96 -11.28 3.05 15.40
CA HIS C 96 -10.40 2.71 16.52
C HIS C 96 -10.95 3.23 17.86
N VAL C 97 -11.65 2.37 18.57
CA VAL C 97 -12.32 2.78 19.81
C VAL C 97 -11.79 2.07 21.07
N GLY C 98 -10.94 1.06 20.86
CA GLY C 98 -10.39 0.28 21.97
C GLY C 98 -8.88 0.31 21.96
N GLU C 99 -8.25 -0.06 23.08
CA GLU C 99 -6.80 -0.11 23.14
C GLU C 99 -6.29 -1.11 22.11
N MET C 100 -5.29 -0.70 21.32
CA MET C 100 -4.74 -1.53 20.25
C MET C 100 -3.24 -1.75 20.50
N VAL C 101 -2.91 -2.92 21.02
CA VAL C 101 -1.55 -3.28 21.45
C VAL C 101 -0.76 -2.11 22.07
N GLY C 102 -1.35 -1.47 23.07
CA GLY C 102 -0.68 -0.40 23.79
C GLY C 102 -0.87 0.99 23.21
N MET C 103 -1.60 1.10 22.11
CA MET C 103 -1.98 2.40 21.55
C MET C 103 -3.41 2.76 21.94
N ALA C 104 -3.55 3.90 22.61
CA ALA C 104 -4.82 4.39 23.12
C ALA C 104 -5.82 4.68 21.99
N PRO C 105 -7.12 4.46 22.24
CA PRO C 105 -8.17 4.75 21.26
C PRO C 105 -8.04 6.14 20.66
N THR C 106 -8.06 6.21 19.33
CA THR C 106 -7.97 7.49 18.62
C THR C 106 -9.34 7.99 18.15
N GLY C 107 -10.33 7.09 18.13
CA GLY C 107 -11.67 7.41 17.64
C GLY C 107 -11.75 7.55 16.14
N ARG C 108 -10.68 7.21 15.44
CA ARG C 108 -10.57 7.44 14.00
C ARG C 108 -11.07 6.28 13.16
N LEU C 109 -11.78 6.63 12.08
CA LEU C 109 -12.16 5.68 11.04
C LEU C 109 -10.92 5.19 10.31
N PHE C 110 -10.99 3.95 9.81
CA PHE C 110 -9.95 3.39 8.97
C PHE C 110 -10.54 2.29 8.10
N SER C 111 -9.82 1.96 7.03
CA SER C 111 -10.14 0.80 6.22
C SER C 111 -8.84 0.26 5.64
N GLY C 112 -8.71 -1.06 5.63
CA GLY C 112 -7.46 -1.68 5.16
C GLY C 112 -7.75 -3.01 4.55
N GLU C 113 -7.20 -3.25 3.36
CA GLU C 113 -7.29 -4.55 2.71
C GLU C 113 -6.62 -5.60 3.58
N GLN C 114 -7.06 -6.85 3.43
CA GLN C 114 -6.45 -7.97 4.14
C GLN C 114 -6.33 -9.17 3.21
N ILE C 115 -5.31 -9.99 3.45
CA ILE C 115 -5.22 -11.30 2.78
C ILE C 115 -5.18 -12.37 3.86
N HIS C 116 -6.05 -13.36 3.70
CA HIS C 116 -6.20 -14.46 4.68
C HIS C 116 -5.91 -15.76 3.96
N LEU C 117 -5.10 -16.61 4.59
CA LEU C 117 -4.78 -17.93 4.10
C LEU C 117 -5.32 -18.94 5.10
N LEU C 118 -6.19 -19.83 4.65
CA LEU C 118 -6.86 -20.79 5.52
C LEU C 118 -6.57 -22.22 5.09
N HIS C 119 -6.18 -23.07 6.04
CA HIS C 119 -5.99 -24.50 5.77
C HIS C 119 -7.10 -25.31 6.44
N PHE C 120 -7.76 -26.15 5.64
CA PHE C 120 -8.80 -27.06 6.12
C PHE C 120 -8.24 -28.44 6.44
N VAL C 121 -8.67 -28.98 7.58
CA VAL C 121 -8.42 -30.37 7.98
C VAL C 121 -9.76 -30.87 8.51
N ASP C 122 -10.10 -32.12 8.15
CA ASP C 122 -11.37 -32.75 8.56
C ASP C 122 -12.59 -31.87 8.21
N GLY C 123 -12.44 -31.05 7.16
CA GLY C 123 -13.51 -30.20 6.66
C GLY C 123 -13.78 -28.91 7.43
N LYS C 124 -12.89 -28.59 8.38
CA LYS C 124 -13.01 -27.38 9.17
C LYS C 124 -11.72 -26.56 9.08
N ILE C 125 -11.80 -25.28 9.43
CA ILE C 125 -10.64 -24.39 9.37
C ILE C 125 -9.66 -24.72 10.51
N HIS C 126 -8.46 -25.13 10.12
CA HIS C 126 -7.48 -25.67 11.06
C HIS C 126 -6.32 -24.70 11.33
N HIS C 127 -5.92 -23.96 10.28
CA HIS C 127 -4.88 -22.96 10.42
C HIS C 127 -5.32 -21.71 9.65
N HIS C 128 -5.11 -20.55 10.27
CA HIS C 128 -5.59 -19.28 9.74
C HIS C 128 -4.49 -18.24 9.88
N ARG C 129 -4.00 -17.72 8.77
CA ARG C 129 -3.06 -16.62 8.78
C ARG C 129 -3.74 -15.46 8.10
N ASP C 130 -3.66 -14.29 8.71
CA ASP C 130 -4.15 -13.11 8.02
C ASP C 130 -3.18 -11.95 8.10
N TRP C 131 -3.12 -11.21 7.01
CA TRP C 131 -2.24 -10.06 6.89
C TRP C 131 -3.10 -8.82 6.72
N PRO C 132 -3.35 -8.09 7.82
CA PRO C 132 -3.96 -6.78 7.73
C PRO C 132 -3.03 -5.78 7.06
N ASP C 133 -3.57 -4.65 6.61
CA ASP C 133 -2.75 -3.55 6.15
C ASP C 133 -2.35 -2.73 7.38
N TYR C 134 -1.32 -3.20 8.08
CA TYR C 134 -0.90 -2.57 9.33
C TYR C 134 -0.46 -1.13 9.10
N GLN C 135 0.39 -0.92 8.09
CA GLN C 135 0.94 0.42 7.88
C GLN C 135 -0.14 1.39 7.43
N GLY C 136 -1.01 0.94 6.53
CA GLY C 136 -2.12 1.79 6.05
C GLY C 136 -3.08 2.17 7.16
N THR C 137 -3.38 1.21 8.02
CA THR C 137 -4.27 1.44 9.16
C THR C 137 -3.61 2.39 10.13
N TYR C 138 -2.34 2.15 10.43
CA TYR C 138 -1.56 3.02 11.31
C TYR C 138 -1.58 4.47 10.83
N ARG C 139 -1.37 4.70 9.53
CA ARG C 139 -1.48 6.05 8.95
C ARG C 139 -2.86 6.68 9.17
N GLN C 140 -3.91 5.91 8.91
CA GLN C 140 -5.27 6.44 9.04
C GLN C 140 -5.62 6.71 10.50
N LEU C 141 -4.95 6.04 11.42
CA LEU C 141 -5.14 6.29 12.86
C LEU C 141 -4.26 7.45 13.37
N GLY C 142 -3.58 8.11 12.45
CA GLY C 142 -2.79 9.30 12.78
C GLY C 142 -1.43 8.95 13.35
N GLU C 143 -1.00 7.71 13.10
CA GLU C 143 0.30 7.21 13.56
C GLU C 143 0.55 7.42 15.05
N PRO C 144 -0.34 6.86 15.90
CA PRO C 144 -0.23 7.10 17.33
C PRO C 144 1.07 6.55 17.92
N TRP C 145 1.60 7.22 18.94
CA TRP C 145 2.70 6.68 19.71
C TRP C 145 2.12 5.77 20.77
N PRO C 146 2.64 4.54 20.90
CA PRO C 146 2.18 3.68 22.01
C PRO C 146 2.40 4.32 23.37
N GLU C 147 1.51 4.05 24.31
CA GLU C 147 1.66 4.52 25.68
C GLU C 147 2.26 3.44 26.59
N THR C 148 2.19 2.20 26.14
CA THR C 148 2.72 1.07 26.87
C THR C 148 3.06 -0.11 25.96
N GLU C 149 3.92 -1.02 26.43
CA GLU C 149 4.13 -2.31 25.79
C GLU C 149 2.93 -3.22 26.01
N HIS C 150 2.49 -3.88 24.95
CA HIS C 150 1.41 -4.83 25.10
C HIS C 150 1.78 -5.99 26.02
N ARG D 10 22.61 14.34 19.54
CA ARG D 10 22.70 12.95 18.99
C ARG D 10 22.04 11.94 19.94
N SER D 11 20.91 11.40 19.53
CA SER D 11 20.15 10.46 20.35
C SER D 11 20.87 9.12 20.46
N GLU D 12 21.06 8.65 21.69
CA GLU D 12 21.63 7.32 21.90
C GLU D 12 20.65 6.22 21.47
N GLN D 13 19.35 6.49 21.64
CA GLN D 13 18.30 5.56 21.22
C GLN D 13 18.30 5.36 19.72
N ILE D 14 18.31 6.47 18.99
CA ILE D 14 18.35 6.40 17.52
C ILE D 14 19.62 5.69 17.04
N ALA D 15 20.76 6.01 17.66
CA ALA D 15 22.02 5.32 17.35
C ALA D 15 21.88 3.80 17.54
N ALA D 16 21.24 3.40 18.64
CA ALA D 16 21.01 1.97 18.92
C ALA D 16 20.14 1.31 17.86
N VAL D 17 19.07 1.99 17.44
CA VAL D 17 18.22 1.48 16.36
C VAL D 17 19.00 1.37 15.05
N ARG D 18 19.89 2.32 14.77
CA ARG D 18 20.73 2.23 13.58
C ARG D 18 21.69 1.05 13.63
N ARG D 19 22.19 0.71 14.82
CA ARG D 19 23.02 -0.48 14.99
C ARG D 19 22.20 -1.73 14.70
N MET D 20 20.95 -1.74 15.16
CA MET D 20 20.01 -2.81 14.87
C MET D 20 19.83 -2.95 13.36
N VAL D 21 19.60 -1.84 12.67
CA VAL D 21 19.41 -1.88 11.20
C VAL D 21 20.66 -2.39 10.50
N GLU D 22 21.82 -1.92 10.96
CA GLU D 22 23.11 -2.36 10.43
C GLU D 22 23.33 -3.87 10.59
N ALA D 23 22.87 -4.44 11.71
CA ALA D 23 22.94 -5.88 11.92
C ALA D 23 22.16 -6.66 10.86
N TYR D 24 20.96 -6.20 10.51
CA TYR D 24 20.22 -6.85 9.43
C TYR D 24 20.97 -6.76 8.11
N ASN D 25 21.58 -5.59 7.87
CA ASN D 25 22.32 -5.34 6.63
C ASN D 25 23.57 -6.21 6.50
N THR D 26 24.40 -6.20 7.54
CA THR D 26 25.66 -6.94 7.51
C THR D 26 25.50 -8.42 7.87
N GLY D 27 24.46 -8.74 8.64
CA GLY D 27 24.34 -10.06 9.28
C GLY D 27 25.27 -10.23 10.48
N LYS D 28 26.00 -9.18 10.84
CA LYS D 28 26.98 -9.24 11.93
C LYS D 28 26.31 -8.97 13.27
N THR D 29 26.29 -9.97 14.14
CA THR D 29 25.52 -9.88 15.38
C THR D 29 26.32 -10.20 16.64
N ASP D 30 27.65 -10.16 16.54
CA ASP D 30 28.51 -10.48 17.68
C ASP D 30 28.20 -9.61 18.90
N ASP D 31 27.82 -8.36 18.65
CA ASP D 31 27.74 -7.35 19.71
C ASP D 31 26.30 -6.92 20.04
N VAL D 32 25.32 -7.72 19.65
CA VAL D 32 23.91 -7.32 19.83
C VAL D 32 23.49 -7.14 21.30
N ALA D 33 24.17 -7.83 22.20
CA ALA D 33 23.93 -7.65 23.63
C ALA D 33 24.21 -6.21 24.10
N ASP D 34 24.96 -5.45 23.31
CA ASP D 34 25.24 -4.03 23.60
C ASP D 34 23.98 -3.17 23.62
N TYR D 35 23.01 -3.52 22.79
CA TYR D 35 21.85 -2.66 22.57
C TYR D 35 20.50 -3.39 22.59
N ILE D 36 20.53 -4.72 22.68
CA ILE D 36 19.30 -5.50 22.79
C ILE D 36 19.14 -5.93 24.24
N HIS D 37 18.00 -5.57 24.85
CA HIS D 37 17.73 -5.86 26.27
C HIS D 37 17.66 -7.38 26.45
N PRO D 38 18.18 -7.90 27.59
CA PRO D 38 18.03 -9.33 27.91
C PRO D 38 16.58 -9.85 27.82
N GLU D 39 15.60 -8.97 28.04
CA GLU D 39 14.19 -9.34 27.99
C GLU D 39 13.51 -8.89 26.71
N TYR D 40 14.31 -8.50 25.71
CA TYR D 40 13.80 -8.14 24.38
C TYR D 40 12.81 -9.17 23.85
N MET D 41 11.70 -8.66 23.33
CA MET D 41 10.67 -9.51 22.73
C MET D 41 10.12 -8.84 21.49
N ASN D 42 9.83 -9.65 20.47
CA ASN D 42 9.15 -9.19 19.28
C ASN D 42 7.95 -10.12 19.08
N PRO D 43 6.73 -9.59 19.26
CA PRO D 43 5.52 -10.42 19.19
C PRO D 43 5.36 -11.11 17.83
N GLY D 44 5.93 -10.51 16.79
CA GLY D 44 5.82 -11.04 15.43
C GLY D 44 6.56 -12.34 15.20
N THR D 45 7.45 -12.71 16.10
CA THR D 45 8.20 -13.94 15.91
C THR D 45 7.85 -15.05 16.91
N LEU D 46 6.76 -14.85 17.64
CA LEU D 46 6.26 -15.81 18.62
C LEU D 46 5.92 -17.16 18.00
N GLU D 47 5.49 -17.13 16.74
CA GLU D 47 5.15 -18.34 16.01
C GLU D 47 6.35 -19.27 15.83
N PHE D 48 7.55 -18.69 15.80
CA PHE D 48 8.73 -19.44 15.36
C PHE D 48 9.61 -19.95 16.48
N THR D 49 9.63 -19.23 17.59
CA THR D 49 10.53 -19.56 18.69
C THR D 49 10.02 -18.98 19.99
N SER D 50 10.54 -19.51 21.09
CA SER D 50 10.26 -18.99 22.41
C SER D 50 11.44 -18.17 22.92
N LEU D 51 12.38 -17.84 22.02
CA LEU D 51 13.58 -17.12 22.45
C LEU D 51 13.25 -15.69 22.87
N ARG D 52 14.12 -15.12 23.69
CA ARG D 52 14.05 -13.70 24.09
C ARG D 52 15.44 -13.09 24.03
N GLY D 53 15.53 -11.78 24.17
CA GLY D 53 16.82 -11.10 24.36
C GLY D 53 17.67 -10.98 23.10
N PRO D 54 18.98 -10.70 23.28
CA PRO D 54 19.91 -10.64 22.14
C PRO D 54 19.92 -11.96 21.35
N GLU D 55 19.68 -13.08 22.05
CA GLU D 55 19.54 -14.40 21.42
C GLU D 55 18.45 -14.44 20.37
N LEU D 56 17.26 -13.98 20.74
CA LEU D 56 16.13 -13.85 19.81
C LEU D 56 16.49 -12.96 18.63
N PHE D 57 17.03 -11.77 18.92
CA PHE D 57 17.40 -10.86 17.85
C PHE D 57 18.42 -11.47 16.87
N ALA D 58 19.47 -12.10 17.40
CA ALA D 58 20.47 -12.76 16.57
C ALA D 58 19.86 -13.81 15.66
N ILE D 59 18.95 -14.64 16.18
CA ILE D 59 18.34 -15.64 15.30
C ILE D 59 17.39 -15.03 14.29
N ASN D 60 16.70 -13.96 14.68
CA ASN D 60 15.85 -13.24 13.73
C ASN D 60 16.66 -12.66 12.57
N VAL D 61 17.81 -12.06 12.88
CA VAL D 61 18.71 -11.55 11.83
C VAL D 61 19.16 -12.70 10.91
N ALA D 62 19.60 -13.80 11.49
CA ALA D 62 20.03 -14.95 10.69
C ALA D 62 18.91 -15.44 9.78
N TRP D 63 17.69 -15.54 10.31
CA TRP D 63 16.51 -15.92 9.50
C TRP D 63 16.28 -14.97 8.30
N VAL D 64 16.45 -13.67 8.53
CA VAL D 64 16.30 -12.70 7.43
C VAL D 64 17.31 -12.96 6.31
N LYS D 65 18.58 -13.15 6.68
CA LYS D 65 19.64 -13.42 5.72
C LYS D 65 19.39 -14.75 5.00
N LYS D 66 18.90 -15.74 5.73
CA LYS D 66 18.59 -17.05 5.15
C LYS D 66 17.40 -17.00 4.17
N THR D 67 16.34 -16.31 4.58
CA THR D 67 15.08 -16.35 3.86
C THR D 67 15.05 -15.37 2.69
N PHE D 68 15.68 -14.21 2.91
CA PHE D 68 15.64 -13.10 1.94
C PHE D 68 16.99 -12.83 1.27
N SER D 69 17.93 -13.75 1.50
CA SER D 69 19.30 -13.76 0.93
C SER D 69 20.29 -12.91 1.74
N GLU D 70 21.56 -13.26 1.65
CA GLU D 70 22.63 -12.50 2.30
C GLU D 70 22.65 -11.03 1.87
N GLU D 71 22.17 -10.77 0.66
CA GLU D 71 22.16 -9.43 0.09
C GLU D 71 20.94 -8.61 0.51
N ALA D 72 20.06 -9.18 1.33
CA ALA D 72 18.89 -8.45 1.81
C ALA D 72 19.34 -7.16 2.48
N ARG D 73 18.63 -6.08 2.20
CA ARG D 73 18.97 -4.78 2.76
C ARG D 73 17.78 -4.12 3.44
N LEU D 74 18.04 -3.42 4.54
CA LEU D 74 17.04 -2.58 5.21
C LEU D 74 17.50 -1.14 5.06
N GLU D 75 16.80 -0.38 4.25
CA GLU D 75 17.14 1.01 4.00
C GLU D 75 16.35 1.92 4.93
N GLU D 76 16.99 2.99 5.38
CA GLU D 76 16.37 3.91 6.31
C GLU D 76 15.77 5.10 5.58
N VAL D 77 14.46 5.28 5.76
CA VAL D 77 13.74 6.46 5.28
C VAL D 77 13.81 7.56 6.33
N GLY D 78 13.53 7.21 7.57
CA GLY D 78 13.51 8.18 8.65
C GLY D 78 13.36 7.49 9.98
N ILE D 79 13.83 8.13 11.04
CA ILE D 79 13.70 7.60 12.39
C ILE D 79 13.36 8.77 13.31
N GLU D 80 12.32 8.60 14.12
CA GLU D 80 11.96 9.62 15.10
C GLU D 80 11.82 8.98 16.47
N GLU D 81 11.78 9.81 17.49
CA GLU D 81 11.68 9.33 18.86
C GLU D 81 10.76 10.22 19.67
N ARG D 82 10.18 9.64 20.72
CA ARG D 82 9.32 10.36 21.65
C ARG D 82 9.50 9.66 22.99
N ALA D 83 10.09 10.37 23.93
CA ALA D 83 10.48 9.79 25.22
C ALA D 83 11.27 8.49 24.99
N ASP D 84 10.81 7.39 25.58
CA ASP D 84 11.50 6.10 25.50
C ASP D 84 11.14 5.25 24.28
N TRP D 85 10.44 5.84 23.31
CA TRP D 85 10.00 5.10 22.13
C TRP D 85 10.65 5.64 20.87
N VAL D 86 10.95 4.73 19.95
CA VAL D 86 11.51 5.10 18.65
C VAL D 86 10.59 4.51 17.57
N ARG D 87 10.34 5.31 16.54
CA ARG D 87 9.63 4.84 15.37
C ARG D 87 10.57 4.89 14.17
N ALA D 88 10.78 3.75 13.53
CA ALA D 88 11.66 3.65 12.38
C ALA D 88 10.89 3.34 11.11
N ARG D 89 11.10 4.17 10.09
CA ARG D 89 10.51 3.95 8.78
C ARG D 89 11.63 3.40 7.89
N LEU D 90 11.50 2.12 7.55
CA LEU D 90 12.53 1.38 6.85
C LEU D 90 11.95 0.75 5.61
N VAL D 91 12.81 0.26 4.74
CA VAL D 91 12.37 -0.48 3.55
C VAL D 91 13.24 -1.71 3.40
N LEU D 92 12.61 -2.88 3.38
CA LEU D 92 13.32 -4.13 3.19
C LEU D 92 13.39 -4.48 1.71
N TYR D 93 14.57 -4.86 1.26
CA TYR D 93 14.80 -5.37 -0.10
C TYR D 93 15.39 -6.76 0.03
N GLY D 94 14.97 -7.69 -0.82
CA GLY D 94 15.57 -9.03 -0.79
C GLY D 94 15.17 -9.87 -1.98
N ARG D 95 15.57 -11.12 -1.95
CA ARG D 95 15.06 -12.11 -2.90
C ARG D 95 14.60 -13.29 -2.06
N HIS D 96 13.37 -13.77 -2.30
CA HIS D 96 12.81 -14.85 -1.50
C HIS D 96 13.43 -16.19 -1.85
N VAL D 97 14.36 -16.65 -1.02
CA VAL D 97 15.17 -17.83 -1.37
C VAL D 97 15.10 -18.95 -0.33
N GLY D 98 14.41 -18.70 0.77
CA GLY D 98 14.20 -19.74 1.80
C GLY D 98 12.73 -19.89 2.16
N GLU D 99 12.36 -21.06 2.69
CA GLU D 99 10.98 -21.33 3.09
C GLU D 99 10.50 -20.24 4.05
N MET D 100 9.27 -19.75 3.82
CA MET D 100 8.69 -18.67 4.61
C MET D 100 7.27 -19.09 4.99
N VAL D 101 7.05 -19.31 6.28
CA VAL D 101 5.75 -19.77 6.81
C VAL D 101 5.01 -20.79 5.93
N GLY D 102 5.74 -21.83 5.52
CA GLY D 102 5.14 -22.90 4.75
C GLY D 102 5.04 -22.66 3.24
N MET D 103 5.56 -21.52 2.79
CA MET D 103 5.59 -21.24 1.35
C MET D 103 6.99 -21.55 0.85
N ALA D 104 7.07 -22.36 -0.21
CA ALA D 104 8.37 -22.70 -0.82
C ALA D 104 9.05 -21.47 -1.40
N PRO D 105 10.41 -21.47 -1.45
CA PRO D 105 11.11 -20.33 -2.05
C PRO D 105 10.57 -20.05 -3.46
N THR D 106 10.30 -18.78 -3.74
CA THR D 106 9.75 -18.36 -5.03
C THR D 106 10.84 -17.80 -5.93
N GLY D 107 11.99 -17.48 -5.34
CA GLY D 107 13.09 -16.85 -6.06
C GLY D 107 12.83 -15.40 -6.49
N ARG D 108 11.79 -14.79 -5.92
CA ARG D 108 11.32 -13.48 -6.37
C ARG D 108 11.99 -12.32 -5.64
N LEU D 109 12.46 -11.34 -6.41
CA LEU D 109 12.85 -10.06 -5.84
C LEU D 109 11.64 -9.41 -5.21
N PHE D 110 11.86 -8.66 -4.14
CA PHE D 110 10.79 -7.85 -3.56
C PHE D 110 11.40 -6.68 -2.81
N SER D 111 10.56 -5.67 -2.59
CA SER D 111 10.90 -4.57 -1.70
C SER D 111 9.60 -4.11 -1.05
N GLY D 112 9.67 -3.83 0.25
CA GLY D 112 8.48 -3.44 0.98
C GLY D 112 8.81 -2.51 2.12
N GLU D 113 8.06 -1.41 2.22
CA GLU D 113 8.21 -0.49 3.35
C GLU D 113 7.86 -1.22 4.66
N GLN D 114 8.48 -0.77 5.75
CA GLN D 114 8.21 -1.30 7.08
C GLN D 114 8.12 -0.16 8.07
N ILE D 115 7.30 -0.36 9.09
CA ILE D 115 7.26 0.57 10.22
C ILE D 115 7.58 -0.23 11.45
N HIS D 116 8.59 0.23 12.20
CA HIS D 116 9.03 -0.43 13.43
C HIS D 116 8.78 0.49 14.63
N LEU D 117 8.26 -0.08 15.71
CA LEU D 117 8.08 0.64 16.96
C LEU D 117 8.93 -0.05 18.01
N LEU D 118 9.83 0.70 18.64
CA LEU D 118 10.77 0.13 19.61
C LEU D 118 10.64 0.83 20.95
N HIS D 119 10.55 0.07 22.03
CA HIS D 119 10.51 0.65 23.37
C HIS D 119 11.83 0.36 24.05
N PHE D 120 12.45 1.41 24.59
CA PHE D 120 13.69 1.27 25.35
C PHE D 120 13.40 1.16 26.84
N VAL D 121 14.10 0.24 27.48
CA VAL D 121 14.07 0.12 28.95
C VAL D 121 15.52 -0.07 29.39
N ASP D 122 15.95 0.66 30.41
CA ASP D 122 17.32 0.55 30.92
C ASP D 122 18.35 0.82 29.80
N GLY D 123 17.98 1.64 28.82
CA GLY D 123 18.91 2.02 27.73
C GLY D 123 19.06 1.03 26.58
N LYS D 124 18.28 -0.05 26.59
CA LYS D 124 18.37 -1.06 25.55
C LYS D 124 17.00 -1.33 24.92
N ILE D 125 16.99 -1.89 23.72
CA ILE D 125 15.73 -2.18 23.03
C ILE D 125 15.04 -3.36 23.73
N HIS D 126 13.85 -3.09 24.28
CA HIS D 126 13.13 -3.99 25.17
C HIS D 126 11.89 -4.61 24.53
N HIS D 127 11.25 -3.87 23.63
CA HIS D 127 10.08 -4.38 22.91
C HIS D 127 10.16 -3.83 21.49
N HIS D 128 9.89 -4.71 20.53
CA HIS D 128 10.09 -4.36 19.13
C HIS D 128 8.90 -4.90 18.37
N ARG D 129 8.12 -4.00 17.78
CA ARG D 129 7.01 -4.40 16.94
C ARG D 129 7.34 -3.90 15.55
N ASP D 130 7.23 -4.79 14.57
CA ASP D 130 7.45 -4.35 13.20
C ASP D 130 6.38 -4.84 12.27
N TRP D 131 6.01 -3.94 11.36
CA TRP D 131 4.97 -4.19 10.40
C TRP D 131 5.59 -4.16 9.02
N PRO D 132 5.92 -5.35 8.48
CA PRO D 132 6.29 -5.46 7.07
C PRO D 132 5.08 -5.13 6.20
N ASP D 133 5.33 -4.82 4.93
CA ASP D 133 4.24 -4.74 3.97
C ASP D 133 3.96 -6.17 3.51
N TYR D 134 3.20 -6.90 4.32
CA TYR D 134 2.98 -8.33 4.03
C TYR D 134 2.31 -8.50 2.68
N GLN D 135 1.22 -7.76 2.46
CA GLN D 135 0.44 -7.94 1.24
C GLN D 135 1.22 -7.52 -0.01
N GLY D 136 1.92 -6.40 0.09
CA GLY D 136 2.77 -5.93 -1.01
C GLY D 136 3.87 -6.92 -1.35
N THR D 137 4.48 -7.48 -0.32
CA THR D 137 5.52 -8.50 -0.49
C THR D 137 4.93 -9.76 -1.13
N TYR D 138 3.80 -10.20 -0.60
CA TYR D 138 3.09 -11.36 -1.12
C TYR D 138 2.78 -11.20 -2.60
N ARG D 139 2.29 -10.02 -3.00
CA ARG D 139 2.07 -9.73 -4.43
C ARG D 139 3.35 -9.88 -5.27
N GLN D 140 4.43 -9.27 -4.81
CA GLN D 140 5.70 -9.33 -5.53
C GLN D 140 6.32 -10.73 -5.57
N LEU D 141 5.93 -11.59 -4.64
CA LEU D 141 6.36 -13.00 -4.65
C LEU D 141 5.49 -13.86 -5.58
N GLY D 142 4.53 -13.22 -6.25
CA GLY D 142 3.63 -13.95 -7.14
C GLY D 142 2.49 -14.66 -6.43
N GLU D 143 2.17 -14.19 -5.21
CA GLU D 143 1.08 -14.75 -4.41
C GLU D 143 1.10 -16.29 -4.33
N PRO D 144 2.18 -16.85 -3.77
CA PRO D 144 2.27 -18.30 -3.74
C PRO D 144 1.29 -18.95 -2.79
N TRP D 145 0.84 -20.15 -3.14
CA TRP D 145 0.06 -20.97 -2.24
C TRP D 145 1.00 -21.70 -1.28
N PRO D 146 0.69 -21.70 0.03
CA PRO D 146 1.48 -22.46 0.99
C PRO D 146 1.43 -23.94 0.66
N GLU D 147 2.55 -24.63 0.85
CA GLU D 147 2.60 -26.07 0.64
C GLU D 147 2.31 -26.85 1.92
N THR D 148 2.39 -26.15 3.06
CA THR D 148 2.22 -26.76 4.38
C THR D 148 1.86 -25.69 5.42
N GLU D 149 1.16 -26.09 6.48
CA GLU D 149 0.96 -25.16 7.60
C GLU D 149 2.09 -25.32 8.60
N HIS D 150 2.97 -26.26 8.35
CA HIS D 150 4.09 -26.45 9.25
C HIS D 150 5.31 -25.70 8.79
N ARG D 151 6.42 -25.87 9.48
CA ARG D 151 7.65 -25.18 9.12
C ARG D 151 8.25 -25.76 7.84
N ARG D 152 8.15 -27.08 7.68
CA ARG D 152 7.52 -27.67 6.51
C ARG D 152 6.87 -29.01 6.85
S SO4 E . 5.25 27.94 7.79
O1 SO4 E . 5.68 26.76 8.54
O2 SO4 E . 3.87 27.76 7.36
O3 SO4 E . 5.37 29.13 8.63
O4 SO4 E . 6.12 28.10 6.63
S SO4 F . -11.98 0.42 -27.99
O1 SO4 F . -11.79 -1.02 -27.98
O2 SO4 F . -13.39 0.74 -27.74
O3 SO4 F . -11.14 1.05 -26.96
O4 SO4 F . -11.59 0.96 -29.30
O20 AKV G . -9.14 7.27 -12.70
C5 AKV G . -9.17 7.25 -11.46
C17 AKV G . -9.48 8.41 -10.75
C6 AKV G . -9.76 9.61 -11.42
O21 AKV G . -9.73 9.65 -12.77
C16 AKV G . -8.90 6.05 -10.80
C4 AKV G . -8.59 4.88 -11.49
O19 AKV G . -8.56 4.86 -12.84
C3 AKV G . -8.31 3.70 -10.80
C2 AKV G . -8.33 3.68 -9.43
C1 AKV G . -8.64 4.84 -8.75
C21 AKV G . -8.92 6.03 -9.41
C12 AKV G . -9.22 7.18 -8.69
O18 AKV G . -9.24 7.14 -7.45
C18 AKV G . -9.49 8.38 -9.36
C11 AKV G . -9.81 9.53 -8.63
C19 AKV G . -10.08 10.74 -9.26
C10 AKV G . -10.41 11.95 -8.46
C14 AKV G . -9.49 12.20 -7.41
O16 AKV G . -9.74 11.71 -6.04
C15 AKV G . -11.02 12.11 -5.57
O17 AKV G . -8.42 12.70 -7.64
C20 AKV G . -10.07 10.78 -10.74
C7 AKV G . -10.34 12.07 -11.47
O22 AKV G . -10.69 13.08 -10.57
C8 AKV G . -11.38 12.05 -12.49
C9 AKV G . -11.82 13.39 -12.65
O23 AKV G . -12.49 13.95 -11.71
C13 AKV G . -11.91 13.90 -13.93
C22 AKV G . -12.78 15.01 -13.97
S SO4 H . -8.21 -14.06 -24.45
O1 SO4 H . -9.08 -13.27 -25.31
O2 SO4 H . -8.05 -15.39 -25.03
O3 SO4 H . -6.90 -13.44 -24.34
O4 SO4 H . -8.81 -14.16 -23.12
S SO4 I . 6.23 28.78 -7.43
O1 SO4 I . 5.31 27.84 -6.78
O2 SO4 I . 5.75 30.15 -7.21
O3 SO4 I . 7.57 28.65 -6.89
O4 SO4 I . 6.25 28.50 -8.87
S SO4 J . -7.82 -11.90 -14.71
O1 SO4 J . -8.06 -13.01 -13.79
O2 SO4 J . -8.33 -10.67 -14.11
O3 SO4 J . -6.37 -11.78 -14.95
O4 SO4 J . -8.49 -12.15 -15.98
O20 AKV K . 5.23 12.19 -10.98
C5 AKV K . 5.50 11.02 -10.75
C17 AKV K . 5.78 10.18 -11.82
C6 AKV K . 5.76 10.61 -13.15
O21 AKV K . 5.46 11.87 -13.41
C16 AKV K . 5.56 10.54 -9.38
C4 AKV K . 5.32 11.31 -8.26
O19 AKV K . 5.01 12.58 -8.43
C3 AKV K . 5.38 10.83 -6.98
C2 AKV K . 5.68 9.52 -6.80
C1 AKV K . 5.93 8.76 -7.88
C21 AKV K . 5.87 9.27 -9.14
C12 AKV K . 6.17 8.43 -10.20
O18 AKV K . 6.46 7.23 -9.94
C18 AKV K . 6.13 8.86 -11.52
C11 AKV K . 6.41 7.98 -12.50
C19 AKV K . 6.37 8.34 -13.81
C10 AKV K . 6.70 7.33 -14.83
C14 AKV K . 6.28 5.99 -14.66
O16 AKV K . 7.12 4.93 -14.00
C15 AKV K . 7.67 3.91 -14.84
O17 AKV K . 5.26 5.71 -15.24
C20 AKV K . 6.04 9.75 -14.18
C7 AKV K . 6.03 10.08 -15.65
O22 AKV K . 6.81 9.11 -16.27
C8 AKV K . 6.55 11.27 -16.24
C9 AKV K . 6.69 11.22 -17.68
O23 AKV K . 7.19 10.18 -18.26
C13 AKV K . 7.06 12.44 -18.27
C22 AKV K . 7.03 12.45 -19.67
S SO4 L . -8.37 -27.62 -6.75
O1 SO4 L . -6.99 -27.77 -6.29
O2 SO4 L . -9.10 -26.72 -5.85
O3 SO4 L . -8.38 -27.05 -8.10
O4 SO4 L . -9.04 -28.92 -6.75
S SO4 M . 5.69 0.54 29.75
O1 SO4 M . 6.76 0.22 30.68
O2 SO4 M . 4.47 0.85 30.48
O3 SO4 M . 6.08 1.69 28.95
O4 SO4 M . 5.46 -0.61 28.88
S SO4 N . -4.39 -18.46 -7.94
O1 SO4 N . -4.08 -17.81 -9.21
O2 SO4 N . -4.06 -19.87 -8.03
O3 SO4 N . -3.60 -17.83 -6.88
O4 SO4 N . -5.81 -18.29 -7.64
O20 AKV O . -2.50 -4.92 16.25
C5 AKV O . -3.18 -4.82 15.23
C17 AKV O . -4.11 -5.81 14.93
C6 AKV O . -4.29 -6.92 15.79
O21 AKV O . -3.53 -7.02 16.90
C16 AKV O . -3.01 -3.72 14.39
C4 AKV O . -2.09 -2.73 14.68
O19 AKV O . -1.34 -2.82 15.80
C3 AKV O . -1.93 -1.66 13.84
C2 AKV O . -2.68 -1.54 12.68
C1 AKV O . -3.61 -2.53 12.38
C21 AKV O . -3.77 -3.61 13.22
C12 AKV O . -4.71 -4.58 12.92
O18 AKV O . -5.38 -4.48 11.89
C18 AKV O . -4.87 -5.68 13.77
C11 AKV O . -5.81 -6.64 13.45
C19 AKV O . -6.01 -7.74 14.25
C10 AKV O . -7.02 -8.76 13.88
C14 AKV O . -6.50 -9.71 12.97
O16 AKV O . -5.43 -10.61 13.39
C15 AKV O . -5.96 -11.92 13.44
O17 AKV O . -6.84 -9.71 11.81
C20 AKV O . -5.22 -7.90 15.49
C7 AKV O . -5.43 -9.13 16.34
O22 AKV O . -6.59 -9.78 15.96
C8 AKV O . -5.53 -8.99 17.79
C9 AKV O . -5.99 -10.25 18.28
O23 AKV O . -5.69 -11.35 17.70
C13 AKV O . -6.48 -10.30 19.58
C22 AKV O . -7.20 -11.48 19.81
S SO4 P . 10.79 13.65 23.67
O1 SO4 P . 9.58 13.99 22.93
O2 SO4 P . 11.59 14.84 23.90
O3 SO4 P . 10.42 13.09 24.97
O4 SO4 P . 11.58 12.69 22.92
S SO4 Q . 0.07 -29.86 5.87
O1 SO4 Q . -0.68 -30.20 4.68
O2 SO4 Q . -0.43 -30.63 7.02
O3 SO4 Q . 1.49 -30.18 5.68
O4 SO4 Q . -0.08 -28.44 6.16
S SO4 R . 5.44 12.51 15.47
O1 SO4 R . 6.70 11.96 14.98
O2 SO4 R . 5.57 12.88 16.88
O3 SO4 R . 5.11 13.69 14.67
O4 SO4 R . 4.38 11.52 15.33
O20 AKV S . 6.44 -14.21 7.24
C5 AKV S . 6.91 -13.13 6.83
C17 AKV S . 7.98 -12.52 7.52
C6 AKV S . 8.53 -13.14 8.66
O21 AKV S . 8.04 -14.33 9.11
C16 AKV S . 6.34 -12.52 5.69
C4 AKV S . 5.28 -13.13 5.01
O19 AKV S . 4.76 -14.31 5.44
C3 AKV S . 4.72 -12.52 3.88
C2 AKV S . 5.24 -11.31 3.43
C1 AKV S . 6.30 -10.70 4.11
C21 AKV S . 6.85 -11.30 5.24
C12 AKV S . 7.91 -10.69 5.91
O18 AKV S . 8.37 -9.60 5.49
C18 AKV S . 8.48 -11.30 7.05
C11 AKV S . 9.54 -10.68 7.71
C19 AKV S . 10.12 -11.24 8.85
C10 AKV S . 11.26 -10.53 9.50
C14 AKV S . 10.84 -9.63 10.50
O16 AKV S . 10.67 -10.11 11.87
C15 AKV S . 11.23 -9.18 12.80
O17 AKV S . 10.34 -8.56 10.19
C20 AKV S . 9.61 -12.56 9.35
C7 AKV S . 10.22 -13.19 10.60
O22 AKV S . 11.51 -12.70 10.80
C8 AKV S . 10.34 -14.67 10.64
C9 AKV S . 11.13 -15.09 11.75
O23 AKV S . 11.40 -14.27 12.71
C13 AKV S . 11.52 -16.43 11.91
C22 AKV S . 12.43 -16.53 12.98
#